data_4PQ8
#
_entry.id   4PQ8
#
_cell.length_a   72.914
_cell.length_b   72.914
_cell.length_c   51.326
_cell.angle_alpha   90.000
_cell.angle_beta   90.000
_cell.angle_gamma   90.000
#
_symmetry.space_group_name_H-M   'P 43'
#
loop_
_entity.id
_entity.type
_entity.pdbx_description
1 polymer 'DESIGNED PROTEIN OR465'
2 non-polymer 'CHLORIDE ION'
3 water water
#
_entity_poly.entity_id   1
_entity_poly.type   'polypeptide(L)'
_entity_poly.pdbx_seq_one_letter_code
;MGHHHHHHTITVSTPIKQIFPDDAFAETIKANLKKKSVTDAVTQNELNSIDQIIANNSDIKSVQGIQYLPNVRYLALGGN
KLHDISALKELTNLGWLNLSNNQLETLPQGVFEKLTNLTTLNLSNNQLTSLPQGVFERLASLTTLNLSNNQLTSLPQGVF
ERLTNLTTLNLSNNQLTSLPQGVFERLTNLTTLNLSNNQLTSLPQGVFERLTSLTTLNLSNNQLTSLPQGVFERLTNLKT
LNLSNNQLQSLPTGVDEKLTQLTGSHHHHHH
;
_entity_poly.pdbx_strand_id   A
#
# COMPACT_ATOMS: atom_id res chain seq x y z
N HIS A 8 9.24 -1.88 20.44
CA HIS A 8 10.20 -1.69 21.59
C HIS A 8 9.53 -0.97 22.75
N THR A 9 10.24 -0.88 23.86
CA THR A 9 9.69 -0.27 25.05
C THR A 9 10.70 0.53 25.84
N ILE A 10 10.29 1.67 26.41
CA ILE A 10 11.24 2.41 27.24
C ILE A 10 10.90 2.12 28.70
N THR A 11 11.93 1.99 29.54
CA THR A 11 11.71 1.69 30.96
C THR A 11 11.84 2.91 31.87
N VAL A 12 12.36 4.01 31.34
CA VAL A 12 12.43 5.25 32.10
C VAL A 12 11.95 6.34 31.16
N SER A 13 11.44 7.44 31.72
CA SER A 13 10.94 8.55 30.91
C SER A 13 12.11 9.04 30.06
N THR A 14 11.83 9.23 28.78
CA THR A 14 12.85 9.59 27.81
C THR A 14 12.45 10.77 26.93
N PRO A 15 13.41 11.63 26.56
CA PRO A 15 13.06 12.78 25.71
C PRO A 15 12.51 12.28 24.38
N ILE A 16 11.50 12.97 23.86
CA ILE A 16 10.91 12.61 22.58
C ILE A 16 11.96 12.53 21.46
N LYS A 17 12.86 13.52 21.40
CA LYS A 17 13.89 13.55 20.37
C LYS A 17 14.91 12.41 20.45
N GLN A 18 15.02 11.79 21.61
CA GLN A 18 15.96 10.68 21.78
C GLN A 18 15.35 9.42 21.16
N ILE A 19 14.04 9.27 21.29
CA ILE A 19 13.31 8.13 20.74
C ILE A 19 13.05 8.30 19.25
N PHE A 20 12.65 9.51 18.86
CA PHE A 20 12.33 9.87 17.47
C PHE A 20 13.35 10.91 17.02
N PRO A 21 14.48 10.46 16.44
CA PRO A 21 15.56 11.34 15.97
C PRO A 21 15.24 12.37 14.88
N ASP A 22 14.29 12.05 14.00
CA ASP A 22 13.89 12.96 12.93
C ASP A 22 13.16 14.15 13.56
N ASP A 23 13.64 15.37 13.32
CA ASP A 23 12.98 16.53 13.93
C ASP A 23 11.53 16.71 13.55
N ALA A 24 11.18 16.42 12.30
CA ALA A 24 9.79 16.58 11.88
C ALA A 24 8.90 15.53 12.55
N PHE A 25 9.39 14.30 12.65
CA PHE A 25 8.59 13.24 13.26
C PHE A 25 8.51 13.46 14.77
N ALA A 26 9.59 13.96 15.37
CA ALA A 26 9.60 14.24 16.81
C ALA A 26 8.56 15.32 17.09
N GLU A 27 8.46 16.30 16.21
CA GLU A 27 7.49 17.38 16.36
C GLU A 27 6.06 16.82 16.29
N THR A 28 5.85 15.85 15.41
CA THR A 28 4.53 15.21 15.27
C THR A 28 4.15 14.54 16.59
N ILE A 29 5.10 13.82 17.18
CA ILE A 29 4.86 13.13 18.44
C ILE A 29 4.61 14.17 19.55
N LYS A 30 5.42 15.23 19.57
CA LYS A 30 5.26 16.27 20.58
C LYS A 30 3.84 16.87 20.51
N ALA A 31 3.38 17.17 19.30
CA ALA A 31 2.06 17.75 19.12
C ALA A 31 0.96 16.77 19.53
N ASN A 32 1.15 15.50 19.18
CA ASN A 32 0.18 14.44 19.51
C ASN A 32 0.04 14.29 21.02
N LEU A 33 1.17 14.34 21.73
CA LEU A 33 1.16 14.18 23.18
C LEU A 33 1.00 15.48 23.96
N LYS A 34 0.81 16.58 23.23
CA LYS A 34 0.62 17.90 23.82
C LYS A 34 1.76 18.30 24.74
N LYS A 35 2.99 18.12 24.27
CA LYS A 35 4.17 18.49 25.04
C LYS A 35 4.67 19.84 24.52
N LYS A 36 5.45 20.54 25.34
CA LYS A 36 5.96 21.86 24.96
C LYS A 36 7.17 21.83 24.03
N SER A 37 8.03 20.83 24.19
CA SER A 37 9.22 20.74 23.37
C SER A 37 9.59 19.31 23.01
N VAL A 38 10.26 19.13 21.88
CA VAL A 38 10.67 17.79 21.49
C VAL A 38 11.74 17.26 22.46
N THR A 39 12.28 18.14 23.31
CA THR A 39 13.27 17.66 24.28
C THR A 39 12.60 17.14 25.56
N ASP A 40 11.29 17.34 25.67
CA ASP A 40 10.54 16.88 26.86
C ASP A 40 10.49 15.35 26.96
N ALA A 41 10.60 14.84 28.17
CA ALA A 41 10.58 13.40 28.40
C ALA A 41 9.16 12.84 28.41
N VAL A 42 9.00 11.63 27.87
CA VAL A 42 7.70 10.97 27.84
C VAL A 42 7.84 9.56 28.39
N THR A 43 6.73 8.97 28.79
CA THR A 43 6.71 7.63 29.37
C THR A 43 6.15 6.60 28.38
N GLN A 44 6.39 5.32 28.63
CA GLN A 44 5.84 4.31 27.73
C GLN A 44 4.31 4.38 27.80
N ASN A 45 3.75 4.72 28.96
CA ASN A 45 2.30 4.83 29.06
C ASN A 45 1.77 5.92 28.12
N GLU A 46 2.49 7.03 28.01
CA GLU A 46 2.08 8.11 27.09
C GLU A 46 2.24 7.63 25.65
N LEU A 47 3.32 6.92 25.36
CA LEU A 47 3.53 6.40 24.01
C LEU A 47 2.43 5.40 23.67
N ASN A 48 1.99 4.63 24.66
CA ASN A 48 0.92 3.64 24.45
C ASN A 48 -0.43 4.29 24.13
N SER A 49 -0.58 5.56 24.45
CA SER A 49 -1.84 6.25 24.20
C SER A 49 -2.03 6.69 22.76
N ILE A 50 -0.97 6.58 21.97
CA ILE A 50 -1.05 7.01 20.58
C ILE A 50 -1.68 5.95 19.67
N ASP A 51 -2.84 6.27 19.10
CA ASP A 51 -3.50 5.33 18.20
C ASP A 51 -3.59 5.83 16.76
N GLN A 52 -3.13 7.06 16.52
CA GLN A 52 -3.09 7.59 15.17
C GLN A 52 -2.04 8.67 15.05
N ILE A 53 -1.42 8.73 13.89
CA ILE A 53 -0.43 9.74 13.58
C ILE A 53 -0.80 10.28 12.22
N ILE A 54 -1.06 11.57 12.16
CA ILE A 54 -1.39 12.21 10.90
C ILE A 54 -0.30 13.22 10.64
N ALA A 55 0.54 12.91 9.67
CA ALA A 55 1.66 13.77 9.35
C ALA A 55 2.02 13.75 7.88
N ASN A 56 1.07 14.18 7.06
CA ASN A 56 1.29 14.25 5.63
C ASN A 56 2.09 15.50 5.31
N ASN A 57 2.86 15.46 4.23
CA ASN A 57 3.61 16.61 3.75
C ASN A 57 4.38 17.33 4.84
N SER A 58 5.07 16.56 5.67
CA SER A 58 5.81 17.10 6.81
C SER A 58 7.32 16.99 6.76
N ASP A 59 7.87 16.69 5.58
CA ASP A 59 9.31 16.55 5.37
C ASP A 59 9.99 15.55 6.31
N ILE A 60 9.28 14.48 6.66
CA ILE A 60 9.80 13.43 7.52
C ILE A 60 10.72 12.53 6.72
N LYS A 61 11.94 12.33 7.21
CA LYS A 61 12.93 11.52 6.53
C LYS A 61 13.05 10.14 7.11
N SER A 62 12.66 10.02 8.37
CA SER A 62 12.76 8.77 9.08
C SER A 62 11.70 8.63 10.16
N VAL A 63 11.10 7.45 10.25
CA VAL A 63 10.12 7.21 11.31
C VAL A 63 10.74 6.39 12.43
N GLN A 64 12.05 6.40 12.53
CA GLN A 64 12.72 5.67 13.61
C GLN A 64 12.09 6.11 14.92
N GLY A 65 11.78 5.14 15.77
CA GLY A 65 11.15 5.44 17.05
C GLY A 65 9.69 4.99 17.08
N ILE A 66 9.09 4.86 15.89
CA ILE A 66 7.69 4.47 15.82
C ILE A 66 7.50 3.05 16.38
N GLN A 67 8.58 2.28 16.44
CA GLN A 67 8.53 0.91 16.98
C GLN A 67 8.01 0.91 18.42
N TYR A 68 8.13 2.06 19.08
CA TYR A 68 7.70 2.21 20.48
C TYR A 68 6.23 2.59 20.66
N LEU A 69 5.47 2.58 19.58
CA LEU A 69 4.05 2.93 19.61
C LEU A 69 3.23 1.69 19.23
N PRO A 70 3.08 0.75 20.17
CA PRO A 70 2.33 -0.50 19.91
C PRO A 70 0.88 -0.38 19.48
N ASN A 71 0.24 0.72 19.85
CA ASN A 71 -1.17 0.89 19.55
C ASN A 71 -1.58 1.75 18.37
N VAL A 72 -0.62 2.20 17.57
CA VAL A 72 -1.00 3.02 16.44
C VAL A 72 -1.75 2.16 15.42
N ARG A 73 -2.91 2.66 15.03
CA ARG A 73 -3.79 1.97 14.10
C ARG A 73 -3.91 2.67 12.76
N TYR A 74 -3.77 4.00 12.79
CA TYR A 74 -3.86 4.80 11.58
C TYR A 74 -2.58 5.61 11.44
N LEU A 75 -1.91 5.44 10.31
CA LEU A 75 -0.65 6.13 10.05
C LEU A 75 -0.74 6.83 8.70
N ALA A 76 -0.85 8.16 8.73
CA ALA A 76 -0.94 8.95 7.52
C ALA A 76 0.41 9.66 7.35
N LEU A 77 1.22 9.15 6.44
CA LEU A 77 2.54 9.69 6.20
C LEU A 77 2.77 10.02 4.73
N GLY A 78 1.70 10.40 4.04
CA GLY A 78 1.84 10.71 2.64
C GLY A 78 2.61 12.01 2.42
N GLY A 79 3.38 12.06 1.34
CA GLY A 79 4.11 13.26 1.00
C GLY A 79 5.34 13.59 1.81
N ASN A 80 6.04 12.56 2.28
CA ASN A 80 7.27 12.81 3.03
C ASN A 80 8.49 12.33 2.24
N LYS A 81 9.59 12.06 2.93
CA LYS A 81 10.82 11.64 2.25
C LYS A 81 11.31 10.30 2.75
N LEU A 82 10.37 9.39 3.04
CA LEU A 82 10.76 8.09 3.55
C LEU A 82 11.36 7.16 2.49
N HIS A 83 12.45 6.51 2.85
CA HIS A 83 13.14 5.54 1.98
C HIS A 83 13.09 4.18 2.66
N ASP A 84 12.88 4.20 3.98
CA ASP A 84 12.88 2.98 4.77
C ASP A 84 11.65 2.87 5.66
N ILE A 85 11.03 1.71 5.69
CA ILE A 85 9.85 1.52 6.52
C ILE A 85 9.96 0.27 7.39
N SER A 86 11.19 -0.20 7.60
CA SER A 86 11.41 -1.39 8.41
C SER A 86 10.93 -1.20 9.86
N ALA A 87 10.86 0.05 10.31
CA ALA A 87 10.42 0.35 11.67
C ALA A 87 8.94 0.02 11.88
N LEU A 88 8.22 -0.20 10.80
CA LEU A 88 6.79 -0.49 10.85
C LEU A 88 6.45 -1.95 11.06
N LYS A 89 7.43 -2.83 10.83
CA LYS A 89 7.19 -4.26 10.87
C LYS A 89 6.44 -4.87 12.04
N GLU A 90 6.67 -4.40 13.26
CA GLU A 90 5.99 -4.99 14.41
C GLU A 90 4.80 -4.17 14.93
N LEU A 91 4.32 -3.24 14.12
CA LEU A 91 3.17 -2.42 14.52
C LEU A 91 1.94 -3.24 14.13
N THR A 92 1.71 -4.32 14.88
CA THR A 92 0.62 -5.25 14.58
C THR A 92 -0.81 -4.72 14.64
N ASN A 93 -1.03 -3.57 15.25
CA ASN A 93 -2.39 -3.03 15.31
C ASN A 93 -2.72 -2.10 14.16
N LEU A 94 -1.77 -1.92 13.23
CA LEU A 94 -2.00 -1.06 12.08
C LEU A 94 -3.16 -1.53 11.21
N GLY A 95 -4.09 -0.63 10.94
CA GLY A 95 -5.24 -0.95 10.10
C GLY A 95 -5.22 -0.15 8.80
N TRP A 96 -4.63 1.03 8.84
CA TRP A 96 -4.58 1.89 7.65
C TRP A 96 -3.19 2.50 7.55
N LEU A 97 -2.52 2.27 6.43
CA LEU A 97 -1.17 2.77 6.22
C LEU A 97 -1.09 3.57 4.92
N ASN A 98 -0.89 4.87 5.05
CA ASN A 98 -0.76 5.75 3.90
C ASN A 98 0.70 6.14 3.76
N LEU A 99 1.37 5.53 2.79
CA LEU A 99 2.78 5.81 2.52
C LEU A 99 2.94 6.41 1.13
N SER A 100 1.86 6.98 0.60
CA SER A 100 1.90 7.56 -0.73
C SER A 100 2.87 8.73 -0.83
N ASN A 101 3.37 8.97 -2.04
CA ASN A 101 4.27 10.07 -2.28
C ASN A 101 5.49 10.17 -1.37
N ASN A 102 6.24 9.08 -1.27
CA ASN A 102 7.48 9.08 -0.49
C ASN A 102 8.60 8.70 -1.45
N GLN A 103 9.71 8.17 -0.95
CA GLN A 103 10.82 7.80 -1.82
C GLN A 103 11.22 6.34 -1.65
N LEU A 104 10.20 5.49 -1.56
CA LEU A 104 10.42 4.06 -1.40
C LEU A 104 10.81 3.47 -2.75
N GLU A 105 11.98 2.82 -2.80
CA GLU A 105 12.45 2.22 -4.04
C GLU A 105 12.28 0.71 -4.02
N THR A 106 12.35 0.12 -2.84
CA THR A 106 12.15 -1.33 -2.69
C THR A 106 11.41 -1.58 -1.39
N LEU A 107 10.88 -2.79 -1.25
CA LEU A 107 10.20 -3.20 -0.04
C LEU A 107 10.93 -4.42 0.49
N PRO A 108 11.22 -4.45 1.80
CA PRO A 108 11.90 -5.64 2.36
C PRO A 108 10.87 -6.75 2.17
N GLN A 109 11.30 -7.96 1.82
CA GLN A 109 10.35 -9.04 1.57
C GLN A 109 9.35 -9.34 2.68
N GLY A 110 9.78 -9.24 3.93
CA GLY A 110 8.86 -9.53 5.02
C GLY A 110 8.37 -8.33 5.80
N VAL A 111 8.49 -7.13 5.23
CA VAL A 111 8.09 -5.94 5.97
C VAL A 111 6.62 -5.91 6.40
N PHE A 112 5.73 -6.56 5.66
CA PHE A 112 4.32 -6.56 6.04
C PHE A 112 3.84 -7.89 6.58
N GLU A 113 4.76 -8.80 6.90
CA GLU A 113 4.30 -10.11 7.35
C GLU A 113 3.53 -10.18 8.66
N LYS A 114 3.65 -9.18 9.52
CA LYS A 114 2.94 -9.18 10.80
C LYS A 114 1.68 -8.33 10.85
N LEU A 115 1.43 -7.58 9.78
CA LEU A 115 0.29 -6.67 9.73
C LEU A 115 -1.05 -7.31 9.41
N THR A 116 -1.47 -8.25 10.25
CA THR A 116 -2.71 -8.98 10.02
C THR A 116 -4.01 -8.20 10.13
N ASN A 117 -3.95 -6.99 10.71
CA ASN A 117 -5.14 -6.14 10.85
C ASN A 117 -5.22 -5.09 9.74
N LEU A 118 -4.21 -5.01 8.90
CA LEU A 118 -4.19 -4.00 7.85
C LEU A 118 -5.30 -4.14 6.81
N THR A 119 -6.10 -3.10 6.64
CA THR A 119 -7.17 -3.15 5.64
C THR A 119 -6.87 -2.23 4.47
N THR A 120 -6.11 -1.16 4.72
CA THR A 120 -5.76 -0.24 3.64
C THR A 120 -4.26 0.01 3.59
N LEU A 121 -3.70 -0.18 2.40
CA LEU A 121 -2.27 0.02 2.17
C LEU A 121 -2.11 0.89 0.93
N ASN A 122 -1.66 2.12 1.12
CA ASN A 122 -1.46 3.04 0.00
C ASN A 122 0.04 3.26 -0.20
N LEU A 123 0.56 2.71 -1.28
CA LEU A 123 1.99 2.83 -1.60
C LEU A 123 2.17 3.57 -2.91
N SER A 124 1.15 4.32 -3.30
CA SER A 124 1.20 5.06 -4.56
C SER A 124 2.22 6.18 -4.60
N ASN A 125 2.62 6.54 -5.81
CA ASN A 125 3.57 7.62 -6.01
C ASN A 125 4.90 7.46 -5.29
N ASN A 126 5.48 6.28 -5.41
CA ASN A 126 6.79 6.02 -4.87
C ASN A 126 7.59 5.63 -6.11
N GLN A 127 8.72 4.95 -5.93
CA GLN A 127 9.52 4.56 -7.09
C GLN A 127 9.83 3.07 -7.03
N LEU A 128 8.83 2.29 -6.63
CA LEU A 128 9.00 0.85 -6.52
C LEU A 128 9.25 0.24 -7.89
N THR A 129 10.29 -0.59 -7.98
CA THR A 129 10.60 -1.23 -9.25
C THR A 129 10.20 -2.71 -9.28
N SER A 130 9.86 -3.24 -8.11
CA SER A 130 9.45 -4.65 -8.03
C SER A 130 8.72 -4.93 -6.74
N LEU A 131 7.96 -6.03 -6.73
CA LEU A 131 7.27 -6.48 -5.54
C LEU A 131 7.87 -7.84 -5.23
N PRO A 132 8.44 -8.01 -4.02
CA PRO A 132 9.02 -9.31 -3.67
C PRO A 132 7.93 -10.37 -3.64
N GLN A 133 8.26 -11.61 -4.02
CA GLN A 133 7.26 -12.66 -3.97
C GLN A 133 6.80 -12.80 -2.52
N GLY A 134 5.49 -12.94 -2.32
CA GLY A 134 4.91 -13.09 -1.00
C GLY A 134 4.91 -11.87 -0.09
N VAL A 135 5.24 -10.70 -0.63
CA VAL A 135 5.28 -9.49 0.18
C VAL A 135 3.94 -9.15 0.84
N PHE A 136 2.84 -9.63 0.26
CA PHE A 136 1.51 -9.38 0.81
C PHE A 136 0.85 -10.67 1.30
N GLU A 137 1.63 -11.74 1.41
CA GLU A 137 1.09 -13.05 1.81
C GLU A 137 0.24 -13.13 3.08
N ARG A 138 0.57 -12.35 4.10
CA ARG A 138 -0.20 -12.41 5.35
C ARG A 138 -1.24 -11.31 5.54
N LEU A 139 -1.44 -10.46 4.53
CA LEU A 139 -2.41 -9.37 4.67
C LEU A 139 -3.83 -9.83 4.39
N ALA A 140 -4.29 -10.80 5.19
CA ALA A 140 -5.62 -11.38 5.05
C ALA A 140 -6.78 -10.38 5.14
N SER A 141 -6.59 -9.30 5.90
CA SER A 141 -7.66 -8.32 6.06
C SER A 141 -7.67 -7.20 5.01
N LEU A 142 -6.70 -7.20 4.11
CA LEU A 142 -6.60 -6.11 3.13
C LEU A 142 -7.81 -5.96 2.21
N THR A 143 -8.33 -4.74 2.12
CA THR A 143 -9.47 -4.43 1.25
C THR A 143 -9.06 -3.45 0.16
N THR A 144 -8.07 -2.63 0.47
CA THR A 144 -7.63 -1.60 -0.47
C THR A 144 -6.12 -1.62 -0.67
N LEU A 145 -5.68 -1.78 -1.91
CA LEU A 145 -4.25 -1.78 -2.23
C LEU A 145 -3.99 -0.83 -3.39
N ASN A 146 -3.29 0.27 -3.10
CA ASN A 146 -2.99 1.24 -4.12
C ASN A 146 -1.48 1.23 -4.42
N LEU A 147 -1.13 0.73 -5.60
CA LEU A 147 0.26 0.65 -6.05
C LEU A 147 0.48 1.53 -7.27
N SER A 148 -0.45 2.45 -7.52
CA SER A 148 -0.33 3.32 -8.68
C SER A 148 0.86 4.27 -8.64
N ASN A 149 1.26 4.73 -9.82
CA ASN A 149 2.37 5.65 -9.96
C ASN A 149 3.69 5.19 -9.35
N ASN A 150 4.10 3.99 -9.74
CA ASN A 150 5.38 3.45 -9.32
C ASN A 150 6.10 3.04 -10.60
N GLN A 151 7.12 2.20 -10.48
CA GLN A 151 7.87 1.79 -11.66
C GLN A 151 7.90 0.28 -11.84
N LEU A 152 6.76 -0.36 -11.59
CA LEU A 152 6.64 -1.81 -11.71
C LEU A 152 6.57 -2.24 -13.18
N THR A 153 7.31 -3.28 -13.54
CA THR A 153 7.28 -3.75 -14.92
C THR A 153 6.67 -5.15 -15.04
N SER A 154 6.55 -5.84 -13.91
CA SER A 154 5.96 -7.17 -13.90
C SER A 154 5.42 -7.48 -12.51
N LEU A 155 4.41 -8.34 -12.43
CA LEU A 155 3.84 -8.73 -11.15
C LEU A 155 4.15 -10.22 -10.94
N PRO A 156 4.65 -10.58 -9.74
CA PRO A 156 4.95 -12.00 -9.51
C PRO A 156 3.64 -12.79 -9.51
N GLN A 157 3.65 -14.03 -9.97
CA GLN A 157 2.41 -14.80 -9.92
C GLN A 157 2.14 -14.99 -8.42
N GLY A 158 0.87 -14.97 -8.05
CA GLY A 158 0.51 -15.17 -6.66
C GLY A 158 0.75 -13.97 -5.74
N VAL A 159 1.21 -12.86 -6.29
CA VAL A 159 1.45 -11.69 -5.44
C VAL A 159 0.19 -11.19 -4.72
N PHE A 160 -0.99 -11.47 -5.27
CA PHE A 160 -2.25 -11.04 -4.64
C PHE A 160 -3.08 -12.25 -4.22
N GLU A 161 -2.51 -13.45 -4.29
CA GLU A 161 -3.30 -14.65 -4.02
C GLU A 161 -3.96 -14.86 -2.66
N ARG A 162 -3.45 -14.20 -1.62
CA ARG A 162 -4.04 -14.34 -0.30
C ARG A 162 -4.96 -13.17 0.03
N LEU A 163 -5.08 -12.21 -0.88
CA LEU A 163 -5.89 -11.02 -0.60
C LEU A 163 -7.35 -11.22 -0.98
N THR A 164 -7.93 -12.27 -0.42
CA THR A 164 -9.31 -12.62 -0.73
C THR A 164 -10.38 -11.59 -0.40
N ASN A 165 -10.09 -10.67 0.51
CA ASN A 165 -11.06 -9.65 0.86
C ASN A 165 -10.83 -8.33 0.14
N LEU A 166 -9.92 -8.32 -0.81
CA LEU A 166 -9.62 -7.10 -1.56
C LEU A 166 -10.82 -6.62 -2.38
N THR A 167 -11.11 -5.32 -2.30
CA THR A 167 -12.20 -4.75 -3.07
C THR A 167 -11.68 -3.69 -4.06
N THR A 168 -10.54 -3.08 -3.74
CA THR A 168 -9.95 -2.08 -4.62
C THR A 168 -8.48 -2.37 -4.90
N LEU A 169 -8.12 -2.49 -6.18
CA LEU A 169 -6.73 -2.72 -6.58
C LEU A 169 -6.39 -1.69 -7.66
N ASN A 170 -5.46 -0.80 -7.35
CA ASN A 170 -5.07 0.24 -8.29
C ASN A 170 -3.61 0.00 -8.69
N LEU A 171 -3.41 -0.33 -9.96
CA LEU A 171 -2.09 -0.60 -10.51
C LEU A 171 -1.78 0.38 -11.63
N SER A 172 -2.55 1.46 -11.70
CA SER A 172 -2.36 2.42 -12.77
C SER A 172 -1.02 3.17 -12.73
N ASN A 173 -0.63 3.71 -13.88
CA ASN A 173 0.61 4.45 -14.00
C ASN A 173 1.86 3.72 -13.55
N ASN A 174 2.04 2.52 -14.09
CA ASN A 174 3.26 1.75 -13.85
C ASN A 174 3.76 1.45 -15.26
N GLN A 175 4.63 0.47 -15.43
CA GLN A 175 5.12 0.14 -16.76
C GLN A 175 5.00 -1.34 -17.05
N LEU A 176 3.89 -1.91 -16.60
CA LEU A 176 3.62 -3.33 -16.79
C LEU A 176 3.50 -3.67 -18.27
N THR A 177 4.21 -4.72 -18.68
CA THR A 177 4.18 -5.16 -20.07
C THR A 177 3.54 -6.54 -20.19
N SER A 178 3.04 -7.05 -19.07
CA SER A 178 2.37 -8.35 -19.06
C SER A 178 1.60 -8.54 -17.77
N LEU A 179 0.75 -9.56 -17.77
CA LEU A 179 -0.03 -9.94 -16.60
C LEU A 179 0.02 -11.46 -16.55
N PRO A 180 0.40 -12.05 -15.40
CA PRO A 180 0.47 -13.52 -15.29
C PRO A 180 -0.97 -14.00 -15.39
N GLN A 181 -1.22 -15.19 -15.95
CA GLN A 181 -2.61 -15.60 -16.14
C GLN A 181 -3.56 -15.66 -14.96
N GLY A 182 -3.11 -16.13 -13.81
CA GLY A 182 -4.02 -16.22 -12.68
C GLY A 182 -3.77 -15.19 -11.61
N VAL A 183 -3.18 -14.08 -12.02
CA VAL A 183 -2.85 -13.03 -11.07
C VAL A 183 -4.01 -12.46 -10.26
N PHE A 184 -5.23 -12.48 -10.80
CA PHE A 184 -6.38 -11.94 -10.06
C PHE A 184 -7.37 -13.05 -9.70
N GLU A 185 -6.96 -14.29 -9.90
CA GLU A 185 -7.81 -15.47 -9.69
C GLU A 185 -8.56 -15.59 -8.36
N ARG A 186 -7.94 -15.12 -7.27
CA ARG A 186 -8.57 -15.23 -5.95
C ARG A 186 -9.31 -13.99 -5.48
N LEU A 187 -9.31 -12.93 -6.28
CA LEU A 187 -9.97 -11.68 -5.86
C LEU A 187 -11.46 -11.63 -6.18
N THR A 188 -12.20 -12.58 -5.62
CA THR A 188 -13.63 -12.69 -5.89
C THR A 188 -14.52 -11.57 -5.34
N ASN A 189 -13.97 -10.71 -4.49
CA ASN A 189 -14.74 -9.60 -3.93
C ASN A 189 -14.31 -8.27 -4.51
N LEU A 190 -13.38 -8.30 -5.45
CA LEU A 190 -12.87 -7.07 -6.06
C LEU A 190 -13.97 -6.32 -6.80
N THR A 191 -14.08 -5.02 -6.55
CA THR A 191 -15.09 -4.24 -7.23
C THR A 191 -14.47 -3.22 -8.17
N THR A 192 -13.23 -2.83 -7.89
CA THR A 192 -12.54 -1.85 -8.73
C THR A 192 -11.14 -2.33 -9.07
N LEU A 193 -10.84 -2.42 -10.37
CA LEU A 193 -9.51 -2.82 -10.82
C LEU A 193 -9.06 -1.77 -11.84
N ASN A 194 -8.00 -1.05 -11.49
CA ASN A 194 -7.49 0.01 -12.36
C ASN A 194 -6.12 -0.39 -12.89
N LEU A 195 -6.06 -0.65 -14.20
CA LEU A 195 -4.83 -1.05 -14.88
C LEU A 195 -4.43 -0.02 -15.93
N SER A 196 -5.02 1.16 -15.86
CA SER A 196 -4.73 2.19 -16.85
C SER A 196 -3.31 2.74 -16.81
N ASN A 197 -2.90 3.34 -17.92
CA ASN A 197 -1.57 3.91 -18.04
C ASN A 197 -0.44 2.94 -17.75
N ASN A 198 -0.46 1.82 -18.46
CA ASN A 198 0.60 0.83 -18.38
C ASN A 198 1.02 0.55 -19.82
N GLN A 199 1.77 -0.52 -20.03
CA GLN A 199 2.24 -0.86 -21.36
C GLN A 199 1.78 -2.24 -21.81
N LEU A 200 0.55 -2.60 -21.43
CA LEU A 200 0.00 -3.89 -21.80
C LEU A 200 -0.29 -3.97 -23.29
N THR A 201 0.14 -5.05 -23.92
CA THR A 201 -0.10 -5.23 -25.35
C THR A 201 -1.16 -6.31 -25.58
N SER A 202 -1.32 -7.19 -24.60
CA SER A 202 -2.33 -8.24 -24.67
C SER A 202 -2.81 -8.61 -23.28
N LEU A 203 -3.92 -9.32 -23.22
CA LEU A 203 -4.48 -9.79 -21.96
C LEU A 203 -4.54 -11.30 -22.05
N PRO A 204 -4.15 -12.00 -20.99
CA PRO A 204 -4.18 -13.45 -20.94
C PRO A 204 -5.61 -13.91 -20.94
N GLN A 205 -5.85 -15.03 -21.58
CA GLN A 205 -7.16 -15.62 -21.62
C GLN A 205 -7.57 -15.96 -20.19
N GLY A 206 -8.79 -15.57 -19.83
CA GLY A 206 -9.33 -15.86 -18.51
C GLY A 206 -8.79 -15.02 -17.37
N VAL A 207 -8.04 -13.97 -17.70
CA VAL A 207 -7.44 -13.11 -16.68
C VAL A 207 -8.46 -12.49 -15.71
N PHE A 208 -9.69 -12.25 -16.15
CA PHE A 208 -10.71 -11.66 -15.29
C PHE A 208 -11.86 -12.62 -14.96
N GLU A 209 -11.70 -13.88 -15.35
CA GLU A 209 -12.73 -14.91 -15.17
C GLU A 209 -13.42 -15.04 -13.81
N ARG A 210 -12.67 -14.87 -12.74
CA ARG A 210 -13.22 -15.02 -11.39
C ARG A 210 -13.65 -13.73 -10.69
N LEU A 211 -13.52 -12.59 -11.36
CA LEU A 211 -13.89 -11.33 -10.74
C LEU A 211 -15.38 -11.04 -10.84
N THR A 212 -16.19 -11.95 -10.29
CA THR A 212 -17.63 -11.82 -10.35
C THR A 212 -18.24 -10.59 -9.68
N SER A 213 -17.52 -9.96 -8.76
CA SER A 213 -18.04 -8.77 -8.07
C SER A 213 -17.58 -7.47 -8.73
N LEU A 214 -16.71 -7.56 -9.74
CA LEU A 214 -16.16 -6.37 -10.38
C LEU A 214 -17.19 -5.42 -11.00
N THR A 215 -17.09 -4.15 -10.66
CA THR A 215 -18.01 -3.14 -11.21
C THR A 215 -17.30 -2.10 -12.06
N THR A 216 -16.01 -1.88 -11.81
CA THR A 216 -15.23 -0.91 -12.57
C THR A 216 -13.90 -1.51 -13.03
N LEU A 217 -13.67 -1.52 -14.34
CA LEU A 217 -12.43 -2.05 -14.91
C LEU A 217 -11.86 -1.00 -15.86
N ASN A 218 -10.71 -0.44 -15.51
CA ASN A 218 -10.08 0.57 -16.33
C ASN A 218 -8.81 0.04 -16.99
N LEU A 219 -8.85 -0.06 -18.32
CA LEU A 219 -7.72 -0.54 -19.10
C LEU A 219 -7.26 0.53 -20.09
N SER A 220 -7.64 1.78 -19.83
CA SER A 220 -7.29 2.87 -20.73
C SER A 220 -5.80 3.18 -20.76
N ASN A 221 -5.37 3.82 -21.83
CA ASN A 221 -3.98 4.18 -21.98
C ASN A 221 -2.98 3.04 -21.87
N ASN A 222 -3.24 1.98 -22.61
CA ASN A 222 -2.31 0.86 -22.70
C ASN A 222 -1.99 0.73 -24.19
N GLN A 223 -1.55 -0.44 -24.61
CA GLN A 223 -1.22 -0.63 -26.02
C GLN A 223 -1.87 -1.89 -26.54
N LEU A 224 -3.06 -2.17 -26.05
CA LEU A 224 -3.77 -3.36 -26.48
C LEU A 224 -4.16 -3.29 -27.95
N THR A 225 -3.86 -4.35 -28.69
CA THR A 225 -4.21 -4.40 -30.10
C THR A 225 -5.41 -5.33 -30.31
N SER A 226 -5.61 -6.25 -29.36
CA SER A 226 -6.71 -7.19 -29.46
C SER A 226 -7.21 -7.64 -28.09
N LEU A 227 -8.48 -8.03 -28.04
CA LEU A 227 -9.06 -8.53 -26.81
C LEU A 227 -9.45 -9.99 -27.03
N PRO A 228 -9.07 -10.87 -26.10
CA PRO A 228 -9.39 -12.29 -26.21
C PRO A 228 -10.91 -12.44 -26.29
N GLN A 229 -11.38 -13.52 -26.91
CA GLN A 229 -12.82 -13.75 -27.02
C GLN A 229 -13.46 -14.01 -25.65
N GLY A 230 -14.50 -13.24 -25.35
CA GLY A 230 -15.19 -13.38 -24.09
C GLY A 230 -14.35 -13.06 -22.87
N VAL A 231 -13.40 -12.15 -23.04
CA VAL A 231 -12.52 -11.77 -21.93
C VAL A 231 -13.29 -11.12 -20.78
N PHE A 232 -14.38 -10.45 -21.10
CA PHE A 232 -15.21 -9.78 -20.09
C PHE A 232 -16.52 -10.49 -19.82
N GLU A 233 -16.69 -11.67 -20.39
CA GLU A 233 -17.96 -12.37 -20.27
C GLU A 233 -18.51 -12.71 -18.89
N ARG A 234 -17.65 -13.08 -17.95
CA ARG A 234 -18.11 -13.43 -16.59
C ARG A 234 -18.25 -12.23 -15.66
N LEU A 235 -18.05 -11.02 -16.17
CA LEU A 235 -18.16 -9.82 -15.34
C LEU A 235 -19.62 -9.30 -15.43
N THR A 236 -20.53 -10.06 -14.83
CA THR A 236 -21.95 -9.73 -14.87
C THR A 236 -22.37 -8.48 -14.08
N ASN A 237 -21.49 -8.02 -13.20
CA ASN A 237 -21.81 -6.83 -12.40
C ASN A 237 -21.05 -5.61 -12.92
N LEU A 238 -20.32 -5.80 -14.01
CA LEU A 238 -19.54 -4.71 -14.57
C LEU A 238 -20.44 -3.56 -15.01
N LYS A 239 -20.09 -2.35 -14.55
CA LYS A 239 -20.85 -1.14 -14.85
C LYS A 239 -20.05 -0.14 -15.65
N THR A 240 -18.73 -0.20 -15.50
CA THR A 240 -17.86 0.74 -16.17
C THR A 240 -16.67 0.02 -16.73
N LEU A 241 -16.46 0.16 -18.04
CA LEU A 241 -15.33 -0.48 -18.69
C LEU A 241 -14.68 0.58 -19.58
N ASN A 242 -13.47 0.99 -19.22
CA ASN A 242 -12.76 2.01 -20.00
C ASN A 242 -11.65 1.38 -20.83
N LEU A 243 -11.79 1.46 -22.15
CA LEU A 243 -10.81 0.89 -23.07
C LEU A 243 -10.20 1.95 -23.99
N SER A 244 -10.46 3.21 -23.68
CA SER A 244 -9.95 4.31 -24.49
C SER A 244 -8.43 4.40 -24.53
N ASN A 245 -7.95 5.08 -25.57
CA ASN A 245 -6.54 5.29 -25.78
C ASN A 245 -5.69 4.03 -25.84
N ASN A 246 -6.16 3.06 -26.62
CA ASN A 246 -5.43 1.82 -26.86
C ASN A 246 -5.18 1.74 -28.36
N GLN A 247 -5.12 0.54 -28.92
CA GLN A 247 -4.88 0.36 -30.35
C GLN A 247 -5.75 -0.79 -30.85
N LEU A 248 -7.03 -0.75 -30.51
CA LEU A 248 -7.96 -1.80 -30.88
C LEU A 248 -8.61 -1.66 -32.26
#